data_3DGS
#
_entry.id   3DGS
#
_cell.length_a   48.86
_cell.length_b   92.21
_cell.length_c   94.35
_cell.angle_alpha   90
_cell.angle_beta   90
_cell.angle_gamma   90
#
_symmetry.space_group_name_H-M   'P 21 21 21'
#
loop_
_entity.id
_entity.type
_entity.pdbx_description
1 polymer 'Coat protein A'
2 water water
#
_entity_poly.entity_id   1
_entity_poly.type   'polypeptide(L)'
_entity_poly.pdbx_seq_one_letter_code
;MAETVESSLAKSHIEGSFTNVWKDDKTLDWYANYEGILWKATGVVVITGDETQVYAIWVPVGLAIPENEGGGSEGGGSEG
GGSEGGGTKPPEYGDTPIPGYIYINPLDGTYPPGTEQNPANPNPSLEESHPLNTFMFQGNRFRNRQGALTVYTGTVTQGT
DPVKTYYQYTPVSSKAMYDAYWNGKFRDVAFHSGFNEDPLVAEYQGQLSYLPQPPVNAPSGHHHHHH
;
_entity_poly.pdbx_strand_id   A,B
#
# COMPACT_ATOMS: atom_id res chain seq x y z
N LYS A 11 10.22 -17.81 24.27
CA LYS A 11 9.94 -17.97 22.81
C LYS A 11 9.68 -16.61 22.20
N SER A 12 9.74 -16.53 20.87
CA SER A 12 9.49 -15.26 20.20
C SER A 12 8.03 -15.08 19.79
N HIS A 13 7.60 -13.83 19.73
CA HIS A 13 6.24 -13.47 19.37
C HIS A 13 5.87 -13.93 17.98
N ILE A 14 4.58 -14.11 17.73
CA ILE A 14 4.13 -14.54 16.42
C ILE A 14 3.11 -13.53 15.90
N GLU A 15 3.49 -12.74 14.90
CA GLU A 15 2.57 -11.78 14.31
C GLU A 15 1.80 -12.50 13.21
N GLY A 16 0.51 -12.71 13.42
CA GLY A 16 -0.29 -13.38 12.41
C GLY A 16 -1.64 -13.76 12.99
N SER A 17 -2.42 -14.53 12.25
CA SER A 17 -3.73 -14.92 12.72
C SER A 17 -3.79 -16.31 13.36
N PHE A 18 -4.59 -16.44 14.41
CA PHE A 18 -4.78 -17.74 15.04
C PHE A 18 -6.28 -18.06 14.93
N THR A 19 -6.60 -19.34 14.96
CA THR A 19 -7.99 -19.74 14.91
C THR A 19 -8.22 -20.48 16.23
N ASN A 20 -9.44 -20.91 16.48
CA ASN A 20 -9.76 -21.58 17.75
C ASN A 20 -9.36 -20.69 18.93
N VAL A 21 -9.67 -19.41 18.84
CA VAL A 21 -9.34 -18.44 19.90
C VAL A 21 -10.52 -18.30 20.85
N TRP A 22 -10.28 -17.63 21.97
CA TRP A 22 -11.35 -17.35 22.92
C TRP A 22 -11.01 -16.06 23.65
N LYS A 23 -12.03 -15.40 24.18
CA LYS A 23 -11.82 -14.15 24.90
C LYS A 23 -12.05 -14.40 26.39
N ASP A 24 -11.05 -14.09 27.20
CA ASP A 24 -11.16 -14.28 28.64
C ASP A 24 -12.25 -13.34 29.19
N ASP A 25 -13.18 -13.89 29.95
CA ASP A 25 -14.28 -13.07 30.46
C ASP A 25 -13.95 -12.09 31.56
N LYS A 26 -12.74 -12.15 32.09
CA LYS A 26 -12.37 -11.21 33.14
C LYS A 26 -11.50 -10.06 32.62
N THR A 27 -10.50 -10.39 31.79
CA THR A 27 -9.59 -9.39 31.23
C THR A 27 -9.96 -8.92 29.84
N LEU A 28 -10.86 -9.68 29.20
CA LEU A 28 -11.31 -9.40 27.84
C LEU A 28 -10.17 -9.49 26.81
N ASP A 29 -9.08 -10.16 27.16
CA ASP A 29 -7.97 -10.33 26.21
C ASP A 29 -8.25 -11.59 25.41
N TRP A 30 -7.70 -11.67 24.20
CA TRP A 30 -7.87 -12.87 23.37
C TRP A 30 -6.71 -13.83 23.57
N TYR A 31 -7.01 -15.11 23.42
CA TYR A 31 -6.07 -16.20 23.66
C TYR A 31 -6.24 -17.33 22.64
N ALA A 32 -5.17 -18.12 22.48
CA ALA A 32 -5.17 -19.25 21.58
C ALA A 32 -4.02 -20.18 21.97
N ASN A 33 -4.14 -21.44 21.57
CA ASN A 33 -3.13 -22.46 21.84
C ASN A 33 -2.41 -22.80 20.55
N TYR A 34 -1.12 -23.01 20.65
CA TYR A 34 -0.33 -23.37 19.48
C TYR A 34 0.97 -23.98 19.97
N GLU A 35 1.26 -25.19 19.49
CA GLU A 35 2.47 -25.91 19.86
C GLU A 35 2.53 -26.11 21.37
N GLY A 36 1.37 -26.39 21.97
CA GLY A 36 1.29 -26.62 23.40
C GLY A 36 1.59 -25.41 24.26
N ILE A 37 1.54 -24.22 23.66
CA ILE A 37 1.81 -22.98 24.36
C ILE A 37 0.55 -22.12 24.36
N LEU A 38 0.33 -21.38 25.44
CA LEU A 38 -0.83 -20.49 25.51
C LEU A 38 -0.36 -19.11 25.01
N TRP A 39 -1.03 -18.57 23.99
CA TRP A 39 -0.67 -17.25 23.45
C TRP A 39 -1.70 -16.14 23.73
N LYS A 40 -1.23 -14.96 24.09
CA LYS A 40 -2.10 -13.82 24.38
C LYS A 40 -1.93 -12.81 23.24
N ALA A 41 -3.05 -12.32 22.70
CA ALA A 41 -3.00 -11.37 21.59
C ALA A 41 -2.66 -9.97 22.13
N THR A 42 -1.64 -9.34 21.55
CA THR A 42 -1.21 -8.01 21.96
C THR A 42 -0.99 -7.14 20.73
N GLY A 43 -0.48 -5.93 20.92
CA GLY A 43 -0.30 -5.03 19.80
C GLY A 43 -1.70 -4.69 19.27
N VAL A 44 -1.81 -4.42 17.98
CA VAL A 44 -3.13 -4.15 17.44
C VAL A 44 -3.79 -5.50 17.20
N VAL A 45 -4.96 -5.67 17.79
CA VAL A 45 -5.72 -6.92 17.70
C VAL A 45 -6.91 -6.73 16.77
N VAL A 46 -7.02 -7.61 15.78
CA VAL A 46 -8.08 -7.53 14.79
C VAL A 46 -8.86 -8.82 14.80
N ILE A 47 -10.17 -8.71 14.96
CA ILE A 47 -11.02 -9.90 15.04
C ILE A 47 -12.04 -10.01 13.90
N THR A 48 -12.38 -11.25 13.54
CA THR A 48 -13.40 -11.48 12.51
C THR A 48 -14.75 -11.22 13.18
N GLY A 49 -15.77 -10.87 12.40
CA GLY A 49 -17.06 -10.60 12.97
C GLY A 49 -17.63 -11.75 13.78
N ASP A 50 -17.44 -12.97 13.27
CA ASP A 50 -17.94 -14.18 13.93
C ASP A 50 -17.03 -14.70 15.05
N GLU A 51 -15.98 -13.94 15.37
CA GLU A 51 -14.99 -14.28 16.40
C GLU A 51 -14.19 -15.57 16.18
N THR A 52 -14.23 -16.14 14.97
CA THR A 52 -13.50 -17.38 14.71
C THR A 52 -11.99 -17.21 14.61
N GLN A 53 -11.54 -16.01 14.25
CA GLN A 53 -10.10 -15.77 14.12
C GLN A 53 -9.69 -14.42 14.67
N VAL A 54 -8.45 -14.36 15.16
CA VAL A 54 -7.90 -13.15 15.73
C VAL A 54 -6.48 -12.93 15.22
N TYR A 55 -6.21 -11.73 14.71
CA TYR A 55 -4.88 -11.38 14.21
C TYR A 55 -4.27 -10.48 15.28
N ALA A 56 -3.00 -10.70 15.61
CA ALA A 56 -2.34 -9.87 16.62
C ALA A 56 -0.87 -10.17 16.75
N ILE A 57 -0.23 -9.56 17.76
CA ILE A 57 1.16 -9.83 18.05
C ILE A 57 1.08 -10.81 19.22
N TRP A 58 0.93 -12.10 18.89
CA TRP A 58 0.80 -13.14 19.89
C TRP A 58 2.07 -13.37 20.71
N VAL A 59 1.92 -13.31 22.03
CA VAL A 59 3.03 -13.49 22.96
C VAL A 59 2.86 -14.76 23.79
N PRO A 60 3.91 -15.60 23.86
CA PRO A 60 3.84 -16.84 24.64
C PRO A 60 3.66 -16.47 26.11
N VAL A 61 2.57 -16.94 26.71
CA VAL A 61 2.29 -16.61 28.10
C VAL A 61 2.17 -17.78 29.06
N GLY A 62 2.30 -18.99 28.54
CA GLY A 62 2.21 -20.17 29.38
C GLY A 62 1.86 -21.43 28.62
N LEU A 63 1.51 -22.48 29.36
CA LEU A 63 1.15 -23.76 28.76
C LEU A 63 -0.23 -23.68 28.12
N ALA A 64 -0.45 -24.50 27.10
CA ALA A 64 -1.70 -24.52 26.38
C ALA A 64 -2.88 -25.05 27.21
N ILE A 65 -4.07 -24.55 26.91
CA ILE A 65 -5.29 -24.95 27.60
C ILE A 65 -6.32 -25.28 26.52
N PRO A 66 -6.31 -26.52 26.02
CA PRO A 66 -7.23 -26.95 24.97
C PRO A 66 -8.74 -26.81 25.22
N GLU A 67 -9.17 -26.92 26.47
CA GLU A 67 -10.58 -26.83 26.82
C GLU A 67 -11.27 -25.51 26.51
N ASN A 68 -10.51 -24.45 26.29
CA ASN A 68 -11.11 -23.15 25.99
C ASN A 68 -11.53 -23.01 24.53
N GLU A 69 -11.06 -23.92 23.68
CA GLU A 69 -11.41 -23.88 22.26
C GLU A 69 -12.84 -24.38 22.05
N TYR A 93 -7.27 -23.08 4.69
CA TYR A 93 -7.79 -21.73 4.50
C TYR A 93 -7.14 -21.09 3.29
N GLY A 94 -7.62 -19.89 2.94
CA GLY A 94 -7.06 -19.17 1.81
C GLY A 94 -5.72 -18.53 2.17
N ASP A 95 -5.27 -17.61 1.34
CA ASP A 95 -4.00 -16.94 1.59
C ASP A 95 -4.16 -15.43 1.46
N THR A 96 -5.39 -14.99 1.20
CA THR A 96 -5.70 -13.58 1.05
C THR A 96 -6.38 -13.07 2.33
N PRO A 97 -6.19 -11.79 2.66
CA PRO A 97 -6.79 -11.22 3.87
C PRO A 97 -8.31 -11.31 3.89
N ILE A 98 -8.86 -11.52 5.08
CA ILE A 98 -10.31 -11.59 5.25
C ILE A 98 -10.73 -10.45 6.17
N PRO A 99 -11.96 -9.92 5.97
CA PRO A 99 -12.55 -8.81 6.72
C PRO A 99 -12.57 -9.08 8.22
N GLY A 100 -12.41 -8.01 9.00
CA GLY A 100 -12.44 -8.12 10.44
C GLY A 100 -12.54 -6.71 11.02
N TYR A 101 -12.27 -6.58 12.32
CA TYR A 101 -12.39 -5.29 12.97
C TYR A 101 -11.31 -5.07 14.02
N ILE A 102 -10.86 -3.84 14.14
CA ILE A 102 -9.85 -3.55 15.14
C ILE A 102 -10.51 -3.61 16.51
N TYR A 103 -10.02 -4.51 17.34
CA TYR A 103 -10.56 -4.70 18.69
C TYR A 103 -10.16 -3.65 19.71
N ILE A 104 -11.15 -3.19 20.46
CA ILE A 104 -10.91 -2.22 21.51
C ILE A 104 -11.07 -2.96 22.81
N ASN A 105 -10.02 -3.05 23.62
CA ASN A 105 -10.19 -3.70 24.90
C ASN A 105 -10.75 -2.56 25.75
N PRO A 106 -11.98 -2.69 26.25
CA PRO A 106 -12.59 -1.63 27.08
C PRO A 106 -11.91 -1.41 28.41
N LEU A 107 -10.99 -2.30 28.77
CA LEU A 107 -10.30 -2.16 30.04
C LEU A 107 -8.83 -1.76 29.89
N ASP A 108 -8.47 -1.10 28.78
CA ASP A 108 -7.07 -0.73 28.56
C ASP A 108 -6.52 0.46 29.35
N GLY A 109 -7.35 1.03 30.21
CA GLY A 109 -6.93 2.13 31.06
C GLY A 109 -6.49 3.45 30.49
N THR A 110 -6.78 3.69 29.23
CA THR A 110 -6.37 4.95 28.62
C THR A 110 -7.27 6.13 29.03
N TYR A 111 -8.35 5.80 29.72
CA TYR A 111 -9.32 6.80 30.18
C TYR A 111 -9.84 6.25 31.51
N PRO A 112 -8.95 6.19 32.53
CA PRO A 112 -9.17 5.69 33.88
C PRO A 112 -10.26 6.40 34.68
N PRO A 113 -11.23 5.63 35.19
CA PRO A 113 -12.33 6.19 35.98
C PRO A 113 -11.81 6.64 37.36
N GLY A 114 -12.57 7.51 38.01
CA GLY A 114 -12.17 7.99 39.32
C GLY A 114 -11.05 9.02 39.22
N THR A 115 -11.11 9.85 38.19
CA THR A 115 -10.12 10.89 37.96
C THR A 115 -10.84 12.12 37.44
N GLU A 116 -10.12 13.22 37.29
CA GLU A 116 -10.73 14.44 36.78
C GLU A 116 -11.13 14.15 35.32
N GLN A 117 -10.25 13.43 34.62
CA GLN A 117 -10.47 13.06 33.22
C GLN A 117 -11.73 12.21 33.12
N ASN A 118 -11.72 11.05 33.78
CA ASN A 118 -12.87 10.17 33.78
C ASN A 118 -13.39 10.01 35.20
N PRO A 119 -14.29 10.91 35.62
CA PRO A 119 -14.91 10.95 36.95
C PRO A 119 -15.82 9.78 37.31
N ALA A 120 -16.16 8.94 36.33
CA ALA A 120 -17.01 7.79 36.60
C ALA A 120 -16.49 7.04 37.81
N ASN A 121 -17.39 6.37 38.52
CA ASN A 121 -17.01 5.61 39.70
C ASN A 121 -16.08 4.47 39.26
N PRO A 122 -14.88 4.39 39.86
CA PRO A 122 -13.94 3.33 39.50
C PRO A 122 -14.36 1.93 39.96
N ASN A 123 -15.27 1.85 40.91
CA ASN A 123 -15.69 0.54 41.43
C ASN A 123 -16.72 -0.21 40.57
N PRO A 124 -16.42 -1.48 40.26
CA PRO A 124 -17.28 -2.35 39.45
C PRO A 124 -18.42 -2.88 40.32
N SER A 125 -19.59 -3.07 39.76
CA SER A 125 -20.71 -3.56 40.55
C SER A 125 -20.96 -5.05 40.32
N LEU A 126 -21.61 -5.67 41.29
CA LEU A 126 -21.93 -7.09 41.23
C LEU A 126 -23.44 -7.14 41.15
N GLU A 127 -23.93 -7.34 39.94
CA GLU A 127 -25.35 -7.37 39.67
C GLU A 127 -25.95 -8.74 39.87
N GLU A 128 -27.07 -8.78 40.59
CA GLU A 128 -27.81 -10.01 40.85
C GLU A 128 -28.24 -10.61 39.51
N SER A 129 -28.40 -9.75 38.51
CA SER A 129 -28.78 -10.17 37.17
C SER A 129 -28.17 -9.15 36.22
N HIS A 130 -28.06 -9.49 34.93
CA HIS A 130 -27.50 -8.55 33.96
C HIS A 130 -28.40 -7.33 33.83
N PRO A 131 -27.81 -6.13 33.81
CA PRO A 131 -28.66 -4.95 33.69
C PRO A 131 -29.44 -5.03 32.38
N LEU A 132 -30.58 -4.36 32.33
CA LEU A 132 -31.39 -4.37 31.13
C LEU A 132 -30.82 -3.37 30.12
N ASN A 133 -31.18 -3.55 28.84
CA ASN A 133 -30.76 -2.65 27.78
C ASN A 133 -29.26 -2.55 27.50
N THR A 134 -28.56 -3.66 27.65
CA THR A 134 -27.13 -3.69 27.35
C THR A 134 -26.98 -3.92 25.85
N PHE A 135 -25.77 -3.70 25.31
CA PHE A 135 -25.56 -3.91 23.88
C PHE A 135 -24.22 -4.60 23.59
N MET A 136 -24.19 -5.38 22.54
CA MET A 136 -22.98 -6.10 22.16
C MET A 136 -22.13 -5.29 21.20
N PHE A 137 -20.85 -5.18 21.54
CA PHE A 137 -19.85 -4.52 20.71
C PHE A 137 -18.57 -5.35 20.77
N GLN A 138 -18.29 -6.03 19.66
CA GLN A 138 -17.10 -6.88 19.54
C GLN A 138 -17.13 -8.01 20.55
N GLY A 139 -18.33 -8.53 20.80
CA GLY A 139 -18.43 -9.63 21.75
C GLY A 139 -18.39 -9.19 23.20
N ASN A 140 -18.24 -7.90 23.46
CA ASN A 140 -18.27 -7.42 24.83
C ASN A 140 -19.66 -6.82 25.06
N ARG A 141 -20.15 -6.93 26.29
CA ARG A 141 -21.49 -6.46 26.65
C ARG A 141 -21.44 -5.20 27.53
N PHE A 142 -22.02 -4.13 27.01
CA PHE A 142 -21.97 -2.85 27.67
C PHE A 142 -23.27 -2.27 28.20
N ARG A 143 -23.12 -1.49 29.26
CA ARG A 143 -24.26 -0.81 29.88
C ARG A 143 -23.91 0.68 29.83
N ASN A 144 -24.88 1.50 29.44
CA ASN A 144 -24.69 2.94 29.37
C ASN A 144 -25.66 3.61 30.33
N ARG A 145 -25.13 4.23 31.39
CA ARG A 145 -25.97 4.96 32.33
C ARG A 145 -25.64 6.44 32.20
N GLN A 146 -26.40 7.13 31.37
CA GLN A 146 -26.22 8.57 31.12
C GLN A 146 -24.78 8.97 30.75
N GLY A 147 -24.09 8.16 29.95
CA GLY A 147 -22.74 8.53 29.58
C GLY A 147 -21.66 7.77 30.31
N ALA A 148 -22.00 7.06 31.38
CA ALA A 148 -21.00 6.27 32.10
C ALA A 148 -21.12 4.83 31.57
N LEU A 149 -20.07 4.35 30.93
CA LEU A 149 -20.10 3.02 30.35
C LEU A 149 -19.44 1.99 31.25
N THR A 150 -20.12 0.87 31.46
CA THR A 150 -19.55 -0.21 32.25
C THR A 150 -19.61 -1.43 31.35
N VAL A 151 -18.77 -2.41 31.61
CA VAL A 151 -18.72 -3.59 30.76
C VAL A 151 -18.68 -4.89 31.54
N TYR A 152 -19.41 -5.88 31.02
CA TYR A 152 -19.49 -7.18 31.66
C TYR A 152 -18.14 -7.89 31.75
N THR A 153 -17.67 -8.10 32.98
CA THR A 153 -16.39 -8.77 33.21
C THR A 153 -16.49 -10.11 33.95
N GLY A 154 -17.44 -10.94 33.54
CA GLY A 154 -17.59 -12.24 34.15
C GLY A 154 -18.45 -12.36 35.39
N THR A 155 -18.72 -13.60 35.76
CA THR A 155 -19.54 -13.89 36.91
C THR A 155 -18.68 -14.08 38.15
N VAL A 156 -19.30 -13.97 39.30
CA VAL A 156 -18.61 -14.16 40.56
C VAL A 156 -19.58 -14.86 41.50
N THR A 157 -19.36 -16.16 41.66
CA THR A 157 -20.19 -16.98 42.52
C THR A 157 -19.46 -17.28 43.82
N GLN A 158 -19.52 -16.33 44.74
CA GLN A 158 -18.90 -16.50 46.03
C GLN A 158 -20.02 -16.63 47.07
N GLY A 159 -20.55 -17.85 47.18
CA GLY A 159 -21.61 -18.14 48.13
C GLY A 159 -21.35 -19.45 48.86
N THR A 160 -22.41 -20.10 49.33
CA THR A 160 -22.28 -21.38 50.04
C THR A 160 -23.48 -22.31 49.81
N ASP A 161 -24.65 -21.85 50.21
CA ASP A 161 -25.89 -22.61 50.08
C ASP A 161 -27.06 -21.63 50.00
N PRO A 162 -27.61 -21.40 48.79
CA PRO A 162 -27.24 -21.96 47.48
C PRO A 162 -25.81 -21.65 47.05
N VAL A 163 -25.65 -20.48 46.41
CA VAL A 163 -24.34 -20.02 45.91
C VAL A 163 -24.36 -18.52 45.60
N LYS A 164 -25.41 -18.08 44.91
CA LYS A 164 -25.59 -16.68 44.50
C LYS A 164 -24.60 -16.26 43.42
N THR A 165 -25.09 -16.12 42.19
CA THR A 165 -24.25 -15.74 41.06
C THR A 165 -24.37 -14.24 40.74
N TYR A 166 -23.24 -13.54 40.82
CA TYR A 166 -23.21 -12.11 40.54
C TYR A 166 -22.57 -11.84 39.17
N TYR A 167 -23.11 -10.86 38.46
CA TYR A 167 -22.59 -10.48 37.16
C TYR A 167 -21.85 -9.16 37.30
N GLN A 168 -20.53 -9.24 37.26
CA GLN A 168 -19.69 -8.05 37.41
C GLN A 168 -19.62 -7.13 36.21
N TYR A 169 -19.91 -5.86 36.47
CA TYR A 169 -19.83 -4.83 35.45
C TYR A 169 -18.76 -3.84 35.89
N THR A 170 -17.69 -3.78 35.10
CA THR A 170 -16.55 -2.92 35.38
C THR A 170 -16.65 -1.63 34.56
N PRO A 171 -16.24 -0.49 35.15
CA PRO A 171 -16.30 0.76 34.41
C PRO A 171 -15.30 0.76 33.26
N VAL A 172 -15.75 1.21 32.10
CA VAL A 172 -14.91 1.27 30.91
C VAL A 172 -13.77 2.27 31.10
N SER A 173 -12.54 1.82 30.83
CA SER A 173 -11.37 2.68 30.96
C SER A 173 -10.66 2.89 29.63
N SER A 174 -11.39 2.69 28.54
CA SER A 174 -10.85 2.86 27.20
C SER A 174 -11.29 4.15 26.52
N LYS A 175 -10.32 4.98 26.16
CA LYS A 175 -10.58 6.23 25.47
C LYS A 175 -11.20 5.96 24.11
N ALA A 176 -10.72 4.92 23.44
CA ALA A 176 -11.24 4.57 22.12
C ALA A 176 -12.73 4.26 22.17
N MET A 177 -13.13 3.51 23.20
CA MET A 177 -14.53 3.15 23.36
C MET A 177 -15.34 4.40 23.59
N TYR A 178 -14.83 5.29 24.42
CA TYR A 178 -15.55 6.53 24.69
C TYR A 178 -15.56 7.49 23.51
N ASP A 179 -14.52 7.46 22.67
CA ASP A 179 -14.51 8.35 21.51
C ASP A 179 -15.60 7.92 20.53
N ALA A 180 -15.78 6.60 20.41
CA ALA A 180 -16.80 6.11 19.49
C ALA A 180 -18.21 6.47 20.04
N TYR A 181 -18.41 6.26 21.32
CA TYR A 181 -19.69 6.55 21.97
C TYR A 181 -20.03 8.03 21.79
N TRP A 182 -19.08 8.88 22.15
CA TRP A 182 -19.27 10.32 22.01
C TRP A 182 -19.52 10.78 20.57
N ASN A 183 -18.96 10.11 19.58
CA ASN A 183 -19.19 10.52 18.20
C ASN A 183 -20.51 9.92 17.70
N GLY A 184 -21.28 9.34 18.63
CA GLY A 184 -22.57 8.77 18.29
C GLY A 184 -22.59 7.47 17.51
N LYS A 185 -21.49 6.72 17.58
CA LYS A 185 -21.39 5.47 16.85
C LYS A 185 -22.24 4.35 17.44
N PHE A 186 -22.79 4.58 18.63
CA PHE A 186 -23.67 3.61 19.28
C PHE A 186 -25.09 4.19 19.46
N ARG A 187 -25.44 5.23 18.70
CA ARG A 187 -26.76 5.84 18.81
C ARG A 187 -27.90 4.83 18.66
N ASP A 188 -27.68 3.78 17.86
CA ASP A 188 -28.69 2.76 17.63
C ASP A 188 -28.93 1.76 18.77
N VAL A 189 -28.00 1.63 19.71
CA VAL A 189 -28.18 0.63 20.76
C VAL A 189 -27.90 1.08 22.18
N ALA A 190 -27.24 2.22 22.36
CA ALA A 190 -26.90 2.66 23.72
C ALA A 190 -27.92 3.48 24.48
N PHE A 191 -29.08 3.78 23.89
CA PHE A 191 -30.07 4.60 24.59
C PHE A 191 -31.45 3.97 24.67
N HIS A 192 -31.49 2.66 24.85
CA HIS A 192 -32.78 1.98 24.95
C HIS A 192 -33.26 1.88 26.38
N SER A 193 -34.56 1.88 26.50
CA SER A 193 -35.19 1.77 27.80
C SER A 193 -36.27 0.72 27.63
N GLY A 194 -36.78 0.22 28.75
CA GLY A 194 -37.82 -0.77 28.71
C GLY A 194 -37.36 -2.09 29.30
N PHE A 195 -38.22 -3.10 29.28
CA PHE A 195 -37.81 -4.37 29.82
C PHE A 195 -37.20 -5.22 28.72
N ASN A 196 -35.90 -5.06 28.53
CA ASN A 196 -35.16 -5.78 27.48
C ASN A 196 -33.94 -6.46 28.08
N GLU A 197 -34.04 -7.76 28.26
CA GLU A 197 -32.95 -8.54 28.84
C GLU A 197 -31.82 -8.87 27.87
N ASP A 198 -32.17 -9.27 26.66
CA ASP A 198 -31.15 -9.62 25.69
C ASP A 198 -30.44 -8.39 25.21
N PRO A 199 -29.13 -8.50 25.02
CA PRO A 199 -28.39 -7.33 24.54
C PRO A 199 -28.66 -7.14 23.06
N LEU A 200 -28.64 -5.89 22.62
CA LEU A 200 -28.81 -5.59 21.21
C LEU A 200 -27.39 -5.62 20.65
N VAL A 201 -27.26 -5.85 19.36
CA VAL A 201 -25.95 -5.88 18.71
C VAL A 201 -25.72 -4.56 17.97
N ALA A 202 -24.70 -3.82 18.37
CA ALA A 202 -24.37 -2.55 17.74
C ALA A 202 -24.11 -2.71 16.25
N GLU A 203 -24.63 -1.78 15.44
CA GLU A 203 -24.39 -1.82 14.02
C GLU A 203 -22.87 -1.63 13.81
N TYR A 204 -22.31 -0.67 14.55
CA TYR A 204 -20.87 -0.35 14.48
C TYR A 204 -20.11 -1.41 15.27
N GLN A 205 -19.15 -2.07 14.62
CA GLN A 205 -18.39 -3.13 15.25
C GLN A 205 -16.90 -2.81 15.33
N GLY A 206 -16.58 -1.55 15.08
CA GLY A 206 -15.20 -1.11 15.16
C GLY A 206 -14.60 -0.67 13.84
N GLN A 207 -13.38 -0.14 13.90
CA GLN A 207 -12.67 0.28 12.70
C GLN A 207 -12.46 -0.96 11.80
N LEU A 208 -12.95 -0.89 10.57
CA LEU A 208 -12.78 -2.00 9.63
C LEU A 208 -11.32 -2.34 9.35
N SER A 209 -11.03 -3.62 9.26
CA SER A 209 -9.66 -4.04 8.94
C SER A 209 -9.66 -5.42 8.26
N TYR A 210 -8.49 -6.03 8.19
CA TYR A 210 -8.36 -7.36 7.60
C TYR A 210 -7.36 -8.22 8.34
N LEU A 211 -7.54 -9.54 8.25
CA LEU A 211 -6.63 -10.44 8.89
C LEU A 211 -5.91 -11.20 7.80
N PRO A 212 -4.58 -11.36 7.93
CA PRO A 212 -3.78 -12.09 6.94
C PRO A 212 -4.15 -13.55 7.11
N GLN A 213 -4.04 -14.32 6.03
CA GLN A 213 -4.38 -15.76 6.05
C GLN A 213 -3.25 -16.60 5.41
N PRO A 214 -3.17 -17.90 5.76
CA PRO A 214 -4.02 -18.67 6.68
C PRO A 214 -3.62 -18.51 8.13
N PRO A 215 -4.45 -19.00 9.06
CA PRO A 215 -4.07 -18.86 10.47
C PRO A 215 -2.82 -19.68 10.74
N VAL A 216 -1.94 -19.17 11.57
CA VAL A 216 -0.70 -19.85 11.89
C VAL A 216 -0.96 -21.21 12.52
N ASN A 217 -1.97 -21.30 13.38
CA ASN A 217 -2.27 -22.58 14.03
C ASN A 217 -3.34 -23.31 13.26
N ALA A 218 -3.23 -23.31 11.94
CA ALA A 218 -4.19 -24.00 11.10
C ALA A 218 -4.05 -25.49 11.41
N PRO A 219 -5.18 -26.20 11.58
CA PRO A 219 -5.08 -27.64 11.87
C PRO A 219 -4.36 -28.43 10.78
N GLU B 6 21.51 -14.66 -41.69
CA GLU B 6 22.20 -14.92 -40.43
C GLU B 6 23.51 -14.13 -40.34
N SER B 7 24.08 -14.12 -39.14
CA SER B 7 25.32 -13.43 -38.73
C SER B 7 24.95 -12.28 -37.80
N SER B 8 25.72 -11.21 -37.80
CA SER B 8 25.40 -10.03 -36.99
C SER B 8 24.23 -9.30 -37.66
N LEU B 9 23.62 -9.98 -38.63
CA LEU B 9 22.49 -9.48 -39.41
C LEU B 9 22.83 -8.34 -40.36
N ALA B 10 23.25 -8.71 -41.57
CA ALA B 10 23.59 -7.73 -42.59
C ALA B 10 22.34 -7.41 -43.40
N LYS B 11 21.21 -7.99 -42.98
CA LYS B 11 19.93 -7.77 -43.66
C LYS B 11 19.64 -6.28 -43.69
N SER B 12 19.17 -5.80 -44.84
CA SER B 12 18.88 -4.38 -45.00
C SER B 12 17.85 -3.82 -44.01
N HIS B 13 18.02 -2.54 -43.70
CA HIS B 13 17.12 -1.83 -42.80
C HIS B 13 15.69 -1.88 -43.26
N ILE B 14 14.77 -1.68 -42.34
CA ILE B 14 13.36 -1.62 -42.69
C ILE B 14 12.90 -0.22 -42.29
N GLU B 15 12.61 0.61 -43.27
CA GLU B 15 12.18 1.96 -42.97
C GLU B 15 10.65 1.89 -43.03
N GLY B 16 10.06 1.72 -41.85
CA GLY B 16 8.62 1.58 -41.76
C GLY B 16 8.17 1.57 -40.32
N SER B 17 6.89 1.32 -40.13
CA SER B 17 6.33 1.34 -38.80
C SER B 17 6.14 -0.06 -38.24
N PHE B 18 6.51 -0.26 -36.98
CA PHE B 18 6.34 -1.57 -36.34
C PHE B 18 5.38 -1.42 -35.18
N THR B 19 4.57 -2.45 -34.96
CA THR B 19 3.68 -2.45 -33.84
C THR B 19 4.33 -3.48 -32.92
N ASN B 20 3.81 -3.64 -31.70
CA ASN B 20 4.37 -4.58 -30.74
C ASN B 20 5.82 -4.21 -30.43
N VAL B 21 6.04 -2.91 -30.24
CA VAL B 21 7.36 -2.41 -29.97
C VAL B 21 7.49 -2.22 -28.47
N TRP B 22 8.70 -1.99 -28.00
CA TRP B 22 8.90 -1.74 -26.57
C TRP B 22 10.10 -0.82 -26.42
N LYS B 23 10.11 -0.07 -25.33
CA LYS B 23 11.22 0.85 -25.07
C LYS B 23 12.07 0.26 -23.96
N ASP B 24 13.37 0.13 -24.23
CA ASP B 24 14.32 -0.41 -23.27
C ASP B 24 14.47 0.55 -22.08
N ASP B 25 14.33 0.01 -20.87
CA ASP B 25 14.43 0.80 -19.64
C ASP B 25 15.76 1.46 -19.40
N LYS B 26 16.81 0.89 -19.97
CA LYS B 26 18.16 1.42 -19.75
C LYS B 26 18.72 2.40 -20.78
N THR B 27 18.62 2.06 -22.06
CA THR B 27 19.18 2.91 -23.12
C THR B 27 18.13 3.82 -23.72
N LEU B 28 16.86 3.56 -23.38
CA LEU B 28 15.75 4.34 -23.89
C LEU B 28 15.54 4.23 -25.42
N ASP B 29 16.10 3.19 -26.03
CA ASP B 29 15.91 2.95 -27.47
C ASP B 29 14.63 2.13 -27.67
N TRP B 30 14.05 2.22 -28.87
CA TRP B 30 12.88 1.45 -29.16
C TRP B 30 13.28 0.22 -29.97
N TYR B 31 12.63 -0.90 -29.66
CA TYR B 31 12.92 -2.20 -30.29
C TYR B 31 11.66 -2.90 -30.75
N ALA B 32 11.85 -3.88 -31.62
CA ALA B 32 10.76 -4.70 -32.11
C ALA B 32 11.39 -6.00 -32.58
N ASN B 33 10.60 -7.07 -32.54
CA ASN B 33 11.03 -8.38 -33.02
C ASN B 33 10.30 -8.54 -34.33
N TYR B 34 10.99 -9.01 -35.36
CA TYR B 34 10.35 -9.22 -36.64
C TYR B 34 11.10 -10.31 -37.38
N GLU B 35 10.37 -11.36 -37.77
CA GLU B 35 10.98 -12.49 -38.47
C GLU B 35 12.21 -13.02 -37.74
N GLY B 36 12.06 -13.27 -36.43
CA GLY B 36 13.16 -13.80 -35.64
C GLY B 36 14.39 -12.93 -35.51
N ILE B 37 14.23 -11.64 -35.78
CA ILE B 37 15.34 -10.71 -35.67
C ILE B 37 14.94 -9.58 -34.73
N LEU B 38 15.90 -9.04 -34.02
CA LEU B 38 15.63 -7.96 -33.08
C LEU B 38 16.07 -6.72 -33.84
N TRP B 39 15.17 -5.76 -33.96
CA TRP B 39 15.40 -4.52 -34.66
C TRP B 39 15.42 -3.31 -33.74
N LYS B 40 16.33 -2.39 -33.98
CA LYS B 40 16.43 -1.18 -33.17
C LYS B 40 16.02 0.00 -34.03
N ALA B 41 15.29 0.94 -33.44
CA ALA B 41 14.84 2.12 -34.16
C ALA B 41 15.97 3.14 -34.28
N THR B 42 16.26 3.56 -35.51
CA THR B 42 17.31 4.56 -35.71
C THR B 42 16.75 5.63 -36.66
N GLY B 43 17.57 6.61 -37.04
CA GLY B 43 17.06 7.67 -37.90
C GLY B 43 16.05 8.47 -37.08
N VAL B 44 15.03 9.03 -37.73
CA VAL B 44 14.04 9.79 -36.99
C VAL B 44 13.01 8.77 -36.51
N VAL B 45 12.72 8.80 -35.22
CA VAL B 45 11.80 7.87 -34.59
C VAL B 45 10.47 8.60 -34.29
N VAL B 46 9.40 8.20 -34.98
CA VAL B 46 8.08 8.82 -34.82
C VAL B 46 7.15 7.80 -34.18
N ILE B 47 6.57 8.21 -33.05
CA ILE B 47 5.70 7.36 -32.24
C ILE B 47 4.27 7.87 -32.14
N THR B 48 3.31 6.95 -32.22
CA THR B 48 1.90 7.33 -32.14
C THR B 48 1.56 7.80 -30.72
N GLY B 49 0.46 8.52 -30.60
CA GLY B 49 0.05 9.03 -29.29
C GLY B 49 -0.05 7.99 -28.20
N ASP B 50 -0.49 6.79 -28.55
CA ASP B 50 -0.63 5.70 -27.57
C ASP B 50 0.59 4.78 -27.50
N GLU B 51 1.67 5.18 -28.18
CA GLU B 51 2.91 4.41 -28.16
C GLU B 51 2.75 2.97 -28.65
N THR B 52 1.74 2.71 -29.48
CA THR B 52 1.51 1.36 -29.98
C THR B 52 2.21 1.11 -31.31
N GLN B 53 2.69 2.17 -31.94
CA GLN B 53 3.37 2.10 -33.23
C GLN B 53 4.58 3.03 -33.27
N VAL B 54 5.65 2.57 -33.90
CA VAL B 54 6.87 3.36 -34.01
C VAL B 54 7.45 3.29 -35.42
N TYR B 55 7.61 4.46 -36.03
CA TYR B 55 8.18 4.56 -37.37
C TYR B 55 9.66 4.93 -37.22
N ALA B 56 10.50 4.30 -38.03
CA ALA B 56 11.94 4.56 -37.98
C ALA B 56 12.71 3.75 -39.01
N ILE B 57 14.03 3.92 -39.00
CA ILE B 57 14.93 3.17 -39.87
C ILE B 57 15.36 1.98 -39.01
N TRP B 58 14.52 0.96 -38.98
CA TRP B 58 14.79 -0.24 -38.18
C TRP B 58 16.00 -1.02 -38.68
N VAL B 59 17.03 -1.10 -37.84
CA VAL B 59 18.24 -1.82 -38.19
C VAL B 59 18.35 -3.15 -37.44
N PRO B 60 18.66 -4.24 -38.17
CA PRO B 60 18.78 -5.55 -37.53
C PRO B 60 19.96 -5.50 -36.56
N VAL B 61 19.73 -5.90 -35.31
CA VAL B 61 20.78 -5.84 -34.30
C VAL B 61 21.06 -7.18 -33.62
N GLY B 62 20.28 -8.20 -33.96
CA GLY B 62 20.48 -9.50 -33.37
C GLY B 62 19.27 -10.40 -33.47
N LEU B 63 19.30 -11.51 -32.72
CA LEU B 63 18.19 -12.46 -32.69
C LEU B 63 17.02 -11.90 -31.89
N ALA B 64 15.80 -12.25 -32.31
CA ALA B 64 14.59 -11.78 -31.64
C ALA B 64 14.47 -12.22 -30.19
N ILE B 65 13.98 -11.33 -29.34
CA ILE B 65 13.80 -11.61 -27.92
C ILE B 65 12.33 -11.53 -27.55
N PRO B 66 11.60 -12.67 -27.67
CA PRO B 66 10.17 -12.84 -27.39
C PRO B 66 9.67 -12.07 -26.16
N GLY B 94 1.95 3.55 -49.90
CA GLY B 94 1.47 3.49 -48.55
C GLY B 94 0.12 4.16 -48.32
N ASP B 95 -0.56 3.75 -47.25
CA ASP B 95 -1.85 4.31 -46.90
C ASP B 95 -1.72 5.71 -46.31
N THR B 96 -2.85 6.25 -45.87
CA THR B 96 -2.85 7.55 -45.28
C THR B 96 -2.00 7.45 -44.00
N PRO B 97 -0.97 8.31 -43.89
CA PRO B 97 -0.07 8.32 -42.72
C PRO B 97 -0.84 8.79 -41.49
N ILE B 98 -0.39 8.39 -40.31
CA ILE B 98 -1.06 8.84 -39.10
C ILE B 98 -0.10 9.74 -38.33
N PRO B 99 -0.64 10.71 -37.60
CA PRO B 99 0.27 11.58 -36.86
C PRO B 99 0.95 10.90 -35.70
N GLY B 100 2.08 11.46 -35.30
CA GLY B 100 2.85 10.93 -34.20
C GLY B 100 3.80 12.02 -33.77
N TYR B 101 4.59 11.74 -32.75
CA TYR B 101 5.55 12.74 -32.27
C TYR B 101 6.96 12.23 -32.51
N ILE B 102 7.87 13.15 -32.76
CA ILE B 102 9.25 12.77 -32.99
C ILE B 102 9.89 12.50 -31.64
N TYR B 103 10.25 11.24 -31.39
CA TYR B 103 10.89 10.86 -30.14
C TYR B 103 12.33 11.42 -30.05
N ILE B 104 12.64 12.08 -28.93
CA ILE B 104 13.97 12.61 -28.76
C ILE B 104 14.67 11.64 -27.84
N ASN B 105 15.61 10.86 -28.39
CA ASN B 105 16.34 9.94 -27.54
C ASN B 105 17.26 10.82 -26.66
N PRO B 106 17.04 10.81 -25.34
CA PRO B 106 17.82 11.61 -24.37
C PRO B 106 19.30 11.27 -24.30
N LEU B 107 19.69 10.10 -24.82
CA LEU B 107 21.07 9.65 -24.74
C LEU B 107 21.70 9.41 -26.11
N ASP B 108 21.44 10.28 -27.08
CA ASP B 108 21.99 10.06 -28.40
C ASP B 108 23.42 10.63 -28.56
N GLY B 109 23.98 11.11 -27.46
CA GLY B 109 25.33 11.66 -27.49
C GLY B 109 25.63 12.85 -28.37
N THR B 110 24.62 13.61 -28.78
CA THR B 110 24.88 14.78 -29.63
C THR B 110 25.34 16.00 -28.84
N TYR B 111 25.31 15.88 -27.52
CA TYR B 111 25.72 16.95 -26.59
C TYR B 111 26.24 16.16 -25.38
N PRO B 112 27.34 15.42 -25.57
CA PRO B 112 27.97 14.59 -24.54
C PRO B 112 28.41 15.34 -23.30
N PRO B 113 28.09 14.81 -22.12
CA PRO B 113 28.47 15.43 -20.84
C PRO B 113 29.97 15.23 -20.58
N GLY B 114 30.52 16.00 -19.65
CA GLY B 114 31.93 15.89 -19.32
C GLY B 114 32.83 16.27 -20.48
N THR B 115 32.46 17.34 -21.19
CA THR B 115 33.21 17.83 -22.34
C THR B 115 33.09 19.35 -22.32
N GLU B 116 33.90 20.03 -23.12
CA GLU B 116 33.84 21.49 -23.16
C GLU B 116 32.43 21.92 -23.53
N GLN B 117 31.90 21.30 -24.59
CA GLN B 117 30.55 21.61 -25.06
C GLN B 117 29.52 21.46 -23.93
N ASN B 118 29.49 20.30 -23.30
CA ASN B 118 28.57 20.04 -22.20
C ASN B 118 29.34 19.63 -20.95
N PRO B 119 29.65 20.61 -20.08
CA PRO B 119 30.38 20.48 -18.82
C PRO B 119 29.73 19.68 -17.69
N ALA B 120 28.51 19.21 -17.93
CA ALA B 120 27.79 18.44 -16.93
C ALA B 120 28.56 17.18 -16.57
N ASN B 121 28.34 16.69 -15.36
CA ASN B 121 28.97 15.46 -14.89
C ASN B 121 28.51 14.34 -15.82
N PRO B 122 29.46 13.63 -16.45
CA PRO B 122 29.17 12.53 -17.37
C PRO B 122 28.73 11.21 -16.75
N ASN B 123 28.83 11.09 -15.43
CA ASN B 123 28.45 9.84 -14.80
C ASN B 123 27.05 9.84 -14.21
N PRO B 124 26.32 8.74 -14.38
CA PRO B 124 24.97 8.66 -13.85
C PRO B 124 25.04 8.64 -12.34
N SER B 125 23.92 8.93 -11.69
CA SER B 125 23.87 8.90 -10.24
C SER B 125 22.87 7.84 -9.82
N LEU B 126 23.02 7.35 -8.60
CA LEU B 126 22.11 6.37 -8.06
C LEU B 126 21.37 7.04 -6.91
N GLU B 127 20.05 7.15 -7.05
CA GLU B 127 19.24 7.79 -6.03
C GLU B 127 18.46 6.71 -5.27
N GLU B 128 18.40 6.86 -3.95
CA GLU B 128 17.68 5.93 -3.09
C GLU B 128 16.20 6.04 -3.43
N SER B 129 15.79 7.23 -3.85
CA SER B 129 14.41 7.47 -4.24
C SER B 129 14.42 8.35 -5.49
N HIS B 130 13.28 8.41 -6.19
CA HIS B 130 13.19 9.29 -7.35
C HIS B 130 13.31 10.69 -6.79
N PRO B 131 14.11 11.55 -7.45
CA PRO B 131 14.27 12.92 -6.97
C PRO B 131 12.93 13.65 -6.97
N LEU B 132 12.74 14.52 -6.00
CA LEU B 132 11.52 15.32 -5.95
C LEU B 132 11.67 16.28 -7.12
N ASN B 133 10.55 16.57 -7.78
CA ASN B 133 10.54 17.47 -8.92
C ASN B 133 11.22 16.89 -10.17
N THR B 134 10.48 16.01 -10.84
CA THR B 134 10.91 15.38 -12.08
C THR B 134 9.73 15.55 -13.02
N PHE B 135 9.97 15.66 -14.31
CA PHE B 135 8.86 15.81 -15.25
C PHE B 135 8.86 14.77 -16.35
N MET B 136 7.66 14.42 -16.81
CA MET B 136 7.49 13.43 -17.85
C MET B 136 7.46 14.06 -19.24
N PHE B 137 8.32 13.56 -20.12
CA PHE B 137 8.40 14.01 -21.49
C PHE B 137 8.56 12.78 -22.36
N GLN B 138 7.52 12.48 -23.15
CA GLN B 138 7.51 11.33 -24.03
C GLN B 138 7.74 10.04 -23.22
N GLY B 139 7.19 10.00 -22.02
CA GLY B 139 7.32 8.78 -21.24
C GLY B 139 8.63 8.63 -20.51
N ASN B 140 9.55 9.58 -20.70
CA ASN B 140 10.83 9.53 -20.01
C ASN B 140 10.74 10.49 -18.83
N ARG B 141 11.49 10.19 -17.77
CA ARG B 141 11.42 10.99 -16.54
C ARG B 141 12.69 11.80 -16.35
N PHE B 142 12.55 13.12 -16.45
CA PHE B 142 13.66 14.05 -16.35
C PHE B 142 13.74 14.81 -15.03
N ARG B 143 14.96 15.24 -14.72
CA ARG B 143 15.23 16.03 -13.52
C ARG B 143 16.08 17.18 -13.99
N ASN B 144 15.72 18.39 -13.59
CA ASN B 144 16.51 19.55 -13.97
C ASN B 144 17.22 20.07 -12.74
N ARG B 145 18.54 20.07 -12.77
CA ARG B 145 19.33 20.58 -11.66
C ARG B 145 20.18 21.73 -12.16
N GLN B 146 19.63 22.93 -11.97
CA GLN B 146 20.30 24.16 -12.38
C GLN B 146 20.85 24.09 -13.79
N GLY B 147 19.99 23.70 -14.74
CA GLY B 147 20.42 23.63 -16.11
C GLY B 147 21.04 22.31 -16.52
N ALA B 148 21.19 21.38 -15.57
CA ALA B 148 21.76 20.09 -15.93
C ALA B 148 20.64 19.06 -15.92
N LEU B 149 20.39 18.48 -17.09
CA LEU B 149 19.32 17.49 -17.25
C LEU B 149 19.75 16.03 -17.11
N THR B 150 19.04 15.29 -16.27
CA THR B 150 19.34 13.88 -16.11
C THR B 150 18.04 13.16 -16.40
N VAL B 151 18.11 11.89 -16.80
CA VAL B 151 16.92 11.14 -17.15
C VAL B 151 16.90 9.77 -16.50
N TYR B 152 15.72 9.31 -16.09
CA TYR B 152 15.60 8.01 -15.44
C TYR B 152 15.89 6.81 -16.35
N THR B 153 16.89 6.01 -15.97
CA THR B 153 17.25 4.85 -16.78
C THR B 153 17.15 3.52 -16.03
N GLY B 154 16.06 3.35 -15.30
CA GLY B 154 15.84 2.12 -14.58
C GLY B 154 16.48 2.00 -13.20
N THR B 155 16.18 0.87 -12.55
CA THR B 155 16.70 0.58 -11.23
C THR B 155 18.01 -0.15 -11.34
N VAL B 156 18.71 -0.20 -10.22
CA VAL B 156 19.98 -0.89 -10.07
C VAL B 156 20.04 -1.41 -8.64
N THR B 157 19.68 -2.68 -8.47
CA THR B 157 19.68 -3.30 -7.15
C THR B 157 21.11 -3.51 -6.65
N GLN B 158 21.62 -2.51 -5.93
CA GLN B 158 22.96 -2.59 -5.36
C GLN B 158 22.86 -2.98 -3.90
N GLY B 159 22.39 -4.20 -3.67
CA GLY B 159 22.24 -4.70 -2.33
C GLY B 159 23.52 -5.19 -1.70
N THR B 160 24.02 -4.45 -0.72
CA THR B 160 25.23 -4.80 0.00
C THR B 160 24.83 -5.47 1.32
N ASP B 161 23.63 -6.05 1.31
CA ASP B 161 23.05 -6.73 2.47
C ASP B 161 22.74 -5.72 3.58
N PRO B 162 21.44 -5.50 3.88
CA PRO B 162 20.19 -6.06 3.32
C PRO B 162 20.10 -6.20 1.80
N VAL B 163 19.55 -5.18 1.15
CA VAL B 163 19.40 -5.15 -0.32
C VAL B 163 18.59 -3.91 -0.73
N LYS B 164 19.30 -2.89 -1.18
CA LYS B 164 18.67 -1.64 -1.60
C LYS B 164 18.50 -1.53 -3.10
N THR B 165 17.46 -0.79 -3.50
CA THR B 165 17.17 -0.56 -4.92
C THR B 165 17.36 0.92 -5.21
N TYR B 166 18.35 1.23 -6.05
CA TYR B 166 18.64 2.60 -6.43
C TYR B 166 18.02 2.95 -7.78
N TYR B 167 17.67 4.21 -7.94
CA TYR B 167 17.10 4.69 -9.20
C TYR B 167 18.17 5.46 -9.95
N GLN B 168 18.63 4.88 -11.05
CA GLN B 168 19.67 5.49 -11.85
C GLN B 168 19.17 6.66 -12.68
N TYR B 169 19.88 7.77 -12.55
CA TYR B 169 19.54 8.95 -13.34
C TYR B 169 20.76 9.29 -14.17
N THR B 170 20.62 9.12 -15.48
CA THR B 170 21.69 9.35 -16.41
C THR B 170 21.67 10.73 -17.06
N PRO B 171 22.83 11.38 -17.12
CA PRO B 171 22.89 12.70 -17.74
C PRO B 171 22.46 12.64 -19.18
N VAL B 172 21.61 13.59 -19.55
CA VAL B 172 21.08 13.70 -20.89
C VAL B 172 22.21 14.13 -21.80
N SER B 173 22.32 13.48 -22.96
CA SER B 173 23.36 13.82 -23.92
C SER B 173 22.77 14.21 -25.25
N SER B 174 21.50 14.60 -25.24
CA SER B 174 20.81 14.99 -26.47
C SER B 174 20.75 16.48 -26.71
N LYS B 175 21.30 16.91 -27.84
CA LYS B 175 21.27 18.32 -28.17
C LYS B 175 19.82 18.81 -28.33
N ALA B 176 18.99 17.99 -28.98
CA ALA B 176 17.59 18.37 -29.20
C ALA B 176 16.83 18.59 -27.87
N MET B 177 17.11 17.76 -26.87
CA MET B 177 16.42 17.89 -25.59
C MET B 177 16.80 19.20 -24.91
N TYR B 178 18.10 19.50 -24.89
CA TYR B 178 18.57 20.75 -24.30
C TYR B 178 18.08 21.93 -25.15
N ASP B 179 18.06 21.79 -26.48
CA ASP B 179 17.57 22.89 -27.31
C ASP B 179 16.15 23.24 -26.83
N ALA B 180 15.29 22.21 -26.74
CA ALA B 180 13.91 22.39 -26.29
C ALA B 180 13.88 23.14 -24.96
N TYR B 181 14.66 22.60 -24.02
CA TYR B 181 14.77 23.16 -22.69
C TYR B 181 15.19 24.65 -22.74
N TRP B 182 16.32 24.93 -23.39
CA TRP B 182 16.83 26.29 -23.50
C TRP B 182 15.83 27.20 -24.21
N ASN B 183 15.08 26.67 -25.17
CA ASN B 183 14.13 27.49 -25.90
C ASN B 183 12.85 27.67 -25.12
N GLY B 184 12.88 27.21 -23.87
CA GLY B 184 11.75 27.36 -22.98
C GLY B 184 10.54 26.49 -23.19
N LYS B 185 10.68 25.38 -23.90
CA LYS B 185 9.57 24.46 -24.16
C LYS B 185 9.15 23.71 -22.92
N PHE B 186 9.95 23.79 -21.85
CA PHE B 186 9.61 23.10 -20.61
C PHE B 186 9.36 24.08 -19.44
N ARG B 187 9.15 25.35 -19.77
CA ARG B 187 8.89 26.40 -18.78
C ARG B 187 7.80 26.04 -17.79
N ASP B 188 6.84 25.24 -18.23
CA ASP B 188 5.74 24.84 -17.40
C ASP B 188 6.07 23.76 -16.37
N VAL B 189 7.23 23.12 -16.46
CA VAL B 189 7.57 22.03 -15.53
C VAL B 189 9.02 21.89 -15.04
N ALA B 190 9.98 22.30 -15.86
CA ALA B 190 11.40 22.15 -15.50
C ALA B 190 11.84 22.89 -14.25
N PHE B 191 11.07 23.87 -13.83
CA PHE B 191 11.44 24.64 -12.64
C PHE B 191 10.49 24.50 -11.46
N HIS B 192 9.77 23.39 -11.42
CA HIS B 192 8.80 23.12 -10.36
C HIS B 192 9.40 22.43 -9.11
N SER B 193 8.77 22.66 -7.96
CA SER B 193 9.20 22.07 -6.69
C SER B 193 8.09 21.18 -6.13
N GLY B 194 8.46 20.00 -5.65
CA GLY B 194 7.49 19.04 -5.13
C GLY B 194 7.04 19.14 -3.68
N PHE B 195 7.12 18.01 -2.98
CA PHE B 195 6.70 17.85 -1.58
C PHE B 195 5.19 17.58 -1.49
N ASN B 196 4.62 17.09 -2.58
CA ASN B 196 3.19 16.79 -2.63
C ASN B 196 2.81 15.99 -3.86
N GLU B 197 3.33 16.40 -5.01
CA GLU B 197 3.02 15.75 -6.28
C GLU B 197 4.05 14.74 -6.77
N ASP B 198 3.69 14.05 -7.84
CA ASP B 198 4.54 13.06 -8.50
C ASP B 198 5.24 13.83 -9.64
N PRO B 199 5.64 13.14 -10.73
CA PRO B 199 6.29 13.99 -11.74
C PRO B 199 5.29 14.70 -12.65
N LEU B 200 5.55 16.00 -12.89
CA LEU B 200 4.70 16.80 -13.75
C LEU B 200 4.82 16.35 -15.20
N VAL B 201 3.73 16.47 -15.95
CA VAL B 201 3.73 16.09 -17.36
C VAL B 201 3.90 17.36 -18.20
N ALA B 202 4.96 17.40 -18.98
CA ALA B 202 5.25 18.56 -19.83
C ALA B 202 4.15 18.77 -20.86
N GLU B 203 3.85 20.03 -21.16
CA GLU B 203 2.83 20.36 -22.15
C GLU B 203 3.39 19.99 -23.52
N TYR B 204 4.69 20.27 -23.70
CA TYR B 204 5.37 19.96 -24.94
C TYR B 204 5.73 18.48 -24.94
N GLN B 205 5.28 17.77 -25.97
CA GLN B 205 5.55 16.34 -26.09
C GLN B 205 6.31 15.98 -27.37
N GLY B 206 7.01 16.96 -27.92
CA GLY B 206 7.79 16.71 -29.12
C GLY B 206 7.24 17.33 -30.39
N GLN B 207 8.09 17.34 -31.41
CA GLN B 207 7.77 17.88 -32.73
C GLN B 207 6.84 16.93 -33.48
N LEU B 208 5.90 17.50 -34.23
CA LEU B 208 4.95 16.70 -35.01
C LEU B 208 5.52 16.03 -36.26
N SER B 209 5.09 14.80 -36.51
CA SER B 209 5.48 14.11 -37.72
C SER B 209 4.45 13.02 -38.06
N TYR B 210 4.79 12.16 -39.02
CA TYR B 210 3.87 11.13 -39.46
C TYR B 210 4.42 9.74 -39.65
N LEU B 211 3.63 8.74 -39.32
CA LEU B 211 4.06 7.36 -39.51
C LEU B 211 3.40 6.85 -40.80
N PRO B 212 4.22 6.41 -41.76
CA PRO B 212 3.64 5.88 -43.00
C PRO B 212 2.86 4.65 -42.58
N GLN B 213 1.89 4.22 -43.39
CA GLN B 213 1.06 3.07 -43.06
C GLN B 213 0.88 2.18 -44.29
N PRO B 214 0.50 0.91 -44.09
CA PRO B 214 0.22 0.27 -42.78
C PRO B 214 1.50 -0.20 -42.11
N PRO B 215 1.40 -0.75 -40.89
CA PRO B 215 2.57 -1.23 -40.17
C PRO B 215 3.21 -2.37 -40.94
N VAL B 216 4.53 -2.50 -40.89
CA VAL B 216 5.19 -3.57 -41.62
C VAL B 216 4.88 -4.95 -41.08
N ASN B 217 4.65 -5.05 -39.77
CA ASN B 217 4.34 -6.33 -39.18
C ASN B 217 2.85 -6.43 -38.86
N ALA B 218 2.02 -5.91 -39.77
CA ALA B 218 0.57 -5.94 -39.58
C ALA B 218 0.09 -7.34 -39.25
#